data_4QQQ
#
_entry.id   4QQQ
#
_cell.length_a   24.679
_cell.length_b   157.454
_cell.length_c   211.325
_cell.angle_alpha   90.00
_cell.angle_beta   90.00
_cell.angle_gamma   90.00
#
_symmetry.space_group_name_H-M   'P 21 21 21'
#
loop_
_entity.id
_entity.type
_entity.pdbx_description
1 polymer Pneumolysin
2 non-polymer alpha-D-mannopyranose
3 water water
#
_entity_poly.entity_id   1
_entity_poly.type   'polypeptide(L)'
_entity_poly.pdbx_seq_one_letter_code
;HHHSSGLVPRGSHMANKAVNDFILAMNYDKKKLLTHQGESIENRFIKEGNQLPDEFVVIERKKRSLSTNTSDISVTATND
SRLYPGALLVVDETLLENNPTLLAVDRAPMTYSIDLPGLASSDSFLQVEDPSNSSVRGAVNDLLAKWHQDYGQVNNVPAR
MQYEKITAHSMEQLKVKFGSDFEKTGNSLDIDFNSVHSGEKQIQIVNFKQIYYTVSVDAVKNPGDVFQDTVTVEDLKQRG
ISAERPLVYISSVAYGRQVYLKLETTSKSDEVEAAFEALIKGVKVAPQTEWKQILDNTEVKAVILGGDPSSGARVVTGKV
DMVEDLIQEGSRFTADHPGLPISYTTSFLRDNVVATFQNSTDYVETKVTAYRNGDLLLDHSGAYVAQYYITWNELSYDHQ
GKEVLTPKAWDRNGQDLTAHFTTSIPLKGNVRNLSVKIRECTGLAWEWWRTVYEKTDLPLVRKRTISIWGTTLYPQVEDK
VEND
;
_entity_poly.pdbx_strand_id   A
#
# COMPACT_ATOMS: atom_id res chain seq x y z
N HIS A 1 -40.82 -11.11 41.97
CA HIS A 1 -39.63 -10.28 42.06
C HIS A 1 -39.93 -8.78 42.03
N HIS A 2 -41.06 -8.44 41.42
CA HIS A 2 -41.59 -7.09 41.40
C HIS A 2 -41.57 -6.43 42.80
N HIS A 3 -41.23 -5.15 42.84
CA HIS A 3 -41.19 -4.36 44.08
C HIS A 3 -42.49 -3.55 44.22
N SER A 4 -43.07 -3.53 45.43
CA SER A 4 -44.36 -2.84 45.71
C SER A 4 -44.46 -1.52 44.96
N SER A 5 -43.45 -0.68 45.14
CA SER A 5 -43.39 0.65 44.54
C SER A 5 -43.58 0.65 43.02
N GLY A 6 -43.22 -0.45 42.36
CA GLY A 6 -43.30 -0.53 40.92
C GLY A 6 -42.05 0.01 40.25
N LEU A 7 -41.05 0.37 41.05
CA LEU A 7 -39.78 0.79 40.49
C LEU A 7 -38.91 -0.43 40.31
N VAL A 8 -37.89 -0.33 39.46
CA VAL A 8 -36.89 -1.37 39.38
C VAL A 8 -35.67 -0.88 40.14
N PRO A 9 -35.32 -1.56 41.22
CA PRO A 9 -34.22 -1.07 42.07
C PRO A 9 -32.86 -1.10 41.38
N ARG A 10 -32.27 0.09 41.21
CA ARG A 10 -30.89 0.18 40.74
C ARG A 10 -30.05 -0.69 41.63
N GLY A 11 -29.22 -1.53 41.04
CA GLY A 11 -28.31 -2.37 41.79
C GLY A 11 -28.87 -3.72 42.16
N SER A 12 -30.10 -4.00 41.74
CA SER A 12 -30.69 -5.30 42.00
C SER A 12 -30.57 -6.19 40.76
N HIS A 13 -30.73 -7.49 40.92
CA HIS A 13 -30.58 -8.38 39.77
C HIS A 13 -31.71 -8.14 38.79
N MET A 14 -32.82 -7.59 39.29
CA MET A 14 -33.94 -7.22 38.44
C MET A 14 -33.55 -6.08 37.51
N ALA A 15 -32.67 -5.21 37.98
CA ALA A 15 -32.20 -4.12 37.13
C ALA A 15 -31.44 -4.73 35.97
N ASN A 16 -30.47 -5.59 36.31
CA ASN A 16 -29.63 -6.24 35.32
C ASN A 16 -30.40 -7.12 34.35
N LYS A 17 -31.53 -7.63 34.81
CA LYS A 17 -32.36 -8.53 34.01
C LYS A 17 -33.15 -7.72 32.98
N ALA A 18 -33.51 -6.49 33.34
CA ALA A 18 -34.17 -5.59 32.42
C ALA A 18 -33.16 -5.17 31.34
N VAL A 19 -31.90 -5.03 31.74
CA VAL A 19 -30.87 -4.65 30.78
C VAL A 19 -30.67 -5.78 29.77
N ASN A 20 -30.45 -6.98 30.31
CA ASN A 20 -30.41 -8.19 29.53
C ASN A 20 -31.60 -8.34 28.56
N ASP A 21 -32.82 -8.05 29.02
CA ASP A 21 -33.98 -8.13 28.10
C ASP A 21 -34.02 -7.01 27.06
N PHE A 22 -33.57 -5.81 27.46
CA PHE A 22 -33.46 -4.67 26.56
C PHE A 22 -32.61 -5.01 25.32
N ILE A 23 -31.41 -5.50 25.58
CA ILE A 23 -30.49 -5.87 24.53
C ILE A 23 -30.97 -7.06 23.68
N LEU A 24 -31.51 -8.08 24.34
CA LEU A 24 -31.96 -9.30 23.67
C LEU A 24 -33.08 -8.98 22.69
N ALA A 25 -33.79 -7.89 22.96
CA ALA A 25 -34.98 -7.50 22.23
C ALA A 25 -34.68 -6.67 20.99
N MET A 26 -33.43 -6.23 20.85
CA MET A 26 -33.07 -5.34 19.77
C MET A 26 -33.05 -6.06 18.44
N ASN A 27 -33.77 -5.53 17.45
CA ASN A 27 -33.61 -6.03 16.09
C ASN A 27 -32.90 -5.03 15.19
N TYR A 28 -31.91 -5.51 14.45
CA TYR A 28 -31.18 -4.63 13.55
C TYR A 28 -30.52 -5.37 12.43
N ASP A 29 -30.12 -4.59 11.42
CA ASP A 29 -29.48 -5.12 10.23
C ASP A 29 -27.95 -5.03 10.34
N LYS A 30 -27.30 -6.13 10.70
CA LYS A 30 -25.85 -6.16 10.80
C LYS A 30 -25.17 -5.70 9.50
N LYS A 31 -25.74 -6.08 8.37
CA LYS A 31 -25.19 -5.74 7.07
C LYS A 31 -25.17 -4.22 6.90
N LYS A 32 -26.33 -3.60 7.02
CA LYS A 32 -26.45 -2.18 6.76
C LYS A 32 -25.72 -1.30 7.80
N LEU A 33 -25.49 -1.84 8.99
CA LEU A 33 -24.86 -1.08 10.06
C LEU A 33 -23.37 -0.98 9.81
N LEU A 34 -22.81 -1.98 9.16
CA LEU A 34 -21.36 -2.12 9.05
C LEU A 34 -20.88 -1.99 7.61
N THR A 35 -21.64 -1.29 6.79
CA THR A 35 -21.29 -1.17 5.39
C THR A 35 -20.96 0.27 4.98
N HIS A 36 -19.87 0.44 4.26
CA HIS A 36 -19.57 1.71 3.64
C HIS A 36 -19.27 1.54 2.16
N GLN A 37 -19.99 2.27 1.34
CA GLN A 37 -19.74 2.35 -0.10
C GLN A 37 -19.16 3.73 -0.41
N GLY A 38 -17.92 3.77 -0.90
CA GLY A 38 -17.24 5.04 -1.18
C GLY A 38 -17.90 5.92 -2.23
N GLU A 39 -17.34 5.90 -3.44
CA GLU A 39 -17.81 6.72 -4.56
C GLU A 39 -17.71 5.93 -5.86
N SER A 40 -18.80 5.92 -6.64
CA SER A 40 -18.89 5.00 -7.78
C SER A 40 -18.30 5.54 -9.07
N ILE A 41 -17.57 6.64 -8.98
CA ILE A 41 -17.01 7.32 -10.16
C ILE A 41 -16.27 6.36 -11.09
N GLU A 42 -17.03 5.75 -12.01
CA GLU A 42 -16.51 4.79 -12.97
C GLU A 42 -16.73 5.32 -14.39
N ASN A 43 -16.23 6.51 -14.65
CA ASN A 43 -16.47 7.13 -15.94
C ASN A 43 -15.65 6.48 -17.05
N ARG A 44 -15.30 7.29 -18.05
CA ARG A 44 -14.39 6.86 -19.10
C ARG A 44 -13.18 7.75 -18.92
N PHE A 45 -12.04 7.35 -19.46
CA PHE A 45 -10.82 8.12 -19.20
C PHE A 45 -10.03 8.47 -20.45
N ILE A 46 -9.15 9.45 -20.29
CA ILE A 46 -8.33 9.91 -21.40
C ILE A 46 -6.95 9.25 -21.42
N LYS A 47 -6.48 8.92 -22.61
CA LYS A 47 -5.14 8.41 -22.81
C LYS A 47 -4.24 9.62 -22.89
N GLU A 48 -3.06 9.57 -22.28
CA GLU A 48 -2.19 10.73 -22.38
C GLU A 48 -0.68 10.43 -22.40
N GLY A 49 0.07 11.37 -22.95
CA GLY A 49 1.50 11.20 -23.10
C GLY A 49 2.22 12.26 -22.30
N ASN A 50 3.28 11.87 -21.61
CA ASN A 50 4.04 12.80 -20.83
C ASN A 50 5.53 12.68 -21.11
N GLN A 51 6.13 13.78 -21.54
CA GLN A 51 7.57 13.81 -21.75
C GLN A 51 8.23 14.23 -20.46
N LEU A 52 9.25 13.49 -20.05
CA LEU A 52 10.01 13.82 -18.86
C LEU A 52 11.48 13.70 -19.26
N PRO A 53 12.44 14.03 -18.36
CA PRO A 53 13.85 14.14 -18.79
C PRO A 53 14.37 13.06 -19.74
N ASP A 54 14.52 11.84 -19.24
CA ASP A 54 15.18 10.78 -20.01
C ASP A 54 14.22 9.85 -20.75
N GLU A 55 12.92 10.13 -20.71
CA GLU A 55 11.99 9.31 -21.49
C GLU A 55 10.61 9.91 -21.72
N PHE A 56 9.87 9.25 -22.59
CA PHE A 56 8.50 9.61 -22.87
C PHE A 56 7.64 8.53 -22.24
N VAL A 57 6.56 8.93 -21.57
CA VAL A 57 5.66 7.96 -20.95
C VAL A 57 4.25 8.14 -21.43
N VAL A 58 3.62 7.04 -21.81
CA VAL A 58 2.22 7.07 -22.17
C VAL A 58 1.42 6.52 -20.99
N ILE A 59 0.39 7.29 -20.60
CA ILE A 59 -0.44 7.00 -19.43
C ILE A 59 -1.78 6.45 -19.87
N GLU A 60 -1.98 5.14 -19.70
CA GLU A 60 -3.25 4.49 -20.00
C GLU A 60 -4.07 4.34 -18.72
N ARG A 61 -5.38 4.48 -18.84
CA ARG A 61 -6.26 4.40 -17.67
C ARG A 61 -7.20 3.20 -17.76
N LYS A 62 -7.33 2.47 -16.66
CA LYS A 62 -8.20 1.30 -16.62
C LYS A 62 -9.15 1.40 -15.44
N LYS A 63 -10.29 0.73 -15.53
CA LYS A 63 -11.29 0.83 -14.47
C LYS A 63 -11.31 -0.34 -13.48
N ARG A 64 -10.97 -0.04 -12.21
CA ARG A 64 -10.97 -1.05 -11.16
C ARG A 64 -11.73 -0.62 -9.89
N SER A 65 -12.16 -1.60 -9.12
CA SER A 65 -12.76 -1.32 -7.81
C SER A 65 -12.22 -2.22 -6.72
N LEU A 66 -12.07 -1.63 -5.53
CA LEU A 66 -11.50 -2.36 -4.40
C LEU A 66 -12.54 -2.60 -3.31
N SER A 67 -12.78 -3.86 -2.99
CA SER A 67 -13.78 -4.20 -2.00
C SER A 67 -13.19 -5.04 -0.89
N THR A 68 -13.55 -4.73 0.35
CA THR A 68 -13.00 -5.44 1.49
C THR A 68 -14.12 -5.88 2.47
N ASN A 69 -13.89 -6.99 3.15
CA ASN A 69 -14.89 -7.58 4.04
C ASN A 69 -14.22 -8.39 5.16
N THR A 70 -14.08 -7.79 6.32
CA THR A 70 -13.22 -8.38 7.32
C THR A 70 -13.67 -8.02 8.72
N SER A 71 -13.30 -8.85 9.68
CA SER A 71 -13.75 -8.69 11.04
C SER A 71 -12.59 -8.11 11.81
N ASP A 72 -11.47 -8.05 11.11
CA ASP A 72 -10.23 -7.59 11.71
C ASP A 72 -10.03 -6.10 11.52
N ILE A 73 -9.85 -5.39 12.64
CA ILE A 73 -9.66 -3.95 12.62
C ILE A 73 -8.24 -3.59 12.99
N SER A 74 -7.51 -3.07 12.02
CA SER A 74 -6.11 -2.66 12.23
C SER A 74 -6.00 -1.42 13.12
N VAL A 75 -5.01 -1.42 14.01
CA VAL A 75 -4.80 -0.30 14.93
C VAL A 75 -3.69 0.62 14.46
N THR A 76 -3.97 1.92 14.38
CA THR A 76 -2.96 2.91 14.06
C THR A 76 -2.38 3.52 15.34
N ALA A 77 -3.26 4.10 16.15
CA ALA A 77 -2.88 4.73 17.43
C ALA A 77 -2.04 3.82 18.31
N THR A 78 -1.36 4.42 19.28
CA THR A 78 -0.44 3.67 20.13
C THR A 78 -0.86 3.59 21.60
N ASN A 79 -1.65 4.55 22.06
CA ASN A 79 -2.15 4.48 23.45
C ASN A 79 -3.64 4.80 23.56
N ASP A 80 -4.46 4.06 22.83
CA ASP A 80 -5.90 4.27 22.85
C ASP A 80 -6.43 3.54 24.06
N SER A 81 -7.15 4.28 24.91
CA SER A 81 -7.60 3.69 26.16
C SER A 81 -8.91 2.94 25.94
N ARG A 82 -9.53 3.15 24.79
CA ARG A 82 -10.75 2.46 24.46
C ARG A 82 -10.53 1.03 23.97
N LEU A 83 -9.33 0.70 23.55
CA LEU A 83 -9.11 -0.58 22.85
C LEU A 83 -8.53 -1.67 23.74
N TYR A 84 -9.28 -2.09 24.74
CA TYR A 84 -8.88 -3.22 25.58
C TYR A 84 -9.85 -4.38 25.38
N PRO A 85 -9.35 -5.61 25.52
CA PRO A 85 -10.18 -6.81 25.39
C PRO A 85 -11.36 -6.70 26.35
N GLY A 86 -12.59 -6.85 25.85
CA GLY A 86 -13.75 -6.79 26.70
C GLY A 86 -14.45 -5.44 26.66
N ALA A 87 -13.79 -4.43 26.08
CA ALA A 87 -14.37 -3.10 26.04
C ALA A 87 -15.66 -3.16 25.29
N LEU A 88 -16.67 -2.42 25.75
CA LEU A 88 -17.90 -2.30 25.00
C LEU A 88 -17.83 -1.06 24.10
N LEU A 89 -18.18 -1.25 22.82
CA LEU A 89 -18.21 -0.16 21.84
C LEU A 89 -19.61 0.01 21.27
N VAL A 90 -19.90 1.20 20.76
CA VAL A 90 -21.20 1.48 20.17
C VAL A 90 -21.10 1.30 18.68
N VAL A 91 -22.13 0.78 18.01
CA VAL A 91 -22.03 0.68 16.56
C VAL A 91 -22.63 1.92 15.88
N ASP A 92 -21.71 2.73 15.36
CA ASP A 92 -21.90 4.09 14.89
C ASP A 92 -21.11 4.27 13.62
N GLU A 93 -21.25 5.45 13.02
CA GLU A 93 -20.36 5.86 11.96
C GLU A 93 -18.95 5.94 12.53
N THR A 94 -18.86 6.17 13.83
CA THR A 94 -17.58 6.38 14.49
C THR A 94 -16.85 5.07 14.69
N LEU A 95 -17.59 3.95 14.76
CA LEU A 95 -16.94 2.64 14.80
C LEU A 95 -16.37 2.27 13.41
N LEU A 96 -17.10 2.62 12.35
CA LEU A 96 -16.63 2.39 10.99
C LEU A 96 -15.35 3.18 10.71
N GLU A 97 -15.26 4.38 11.30
CA GLU A 97 -14.10 5.25 11.14
C GLU A 97 -12.91 4.92 12.05
N ASN A 98 -12.89 3.74 12.64
CA ASN A 98 -11.88 3.37 13.64
C ASN A 98 -11.57 4.41 14.74
N ASN A 99 -12.60 5.15 15.15
CA ASN A 99 -12.50 6.13 16.23
C ASN A 99 -13.73 5.99 17.13
N PRO A 100 -13.80 4.84 17.82
CA PRO A 100 -15.09 4.37 18.37
C PRO A 100 -15.52 5.09 19.64
N THR A 101 -16.81 5.02 19.91
CA THR A 101 -17.30 5.60 21.12
C THR A 101 -17.47 4.48 22.13
N LEU A 102 -16.65 4.54 23.17
CA LEU A 102 -16.60 3.53 24.23
C LEU A 102 -17.80 3.69 25.13
N LEU A 103 -18.33 2.60 25.67
CA LEU A 103 -19.42 2.66 26.64
C LEU A 103 -18.84 2.34 28.00
N ALA A 104 -18.43 3.40 28.69
CA ALA A 104 -17.79 3.24 29.99
C ALA A 104 -18.91 3.33 31.00
N VAL A 105 -19.45 2.18 31.37
CA VAL A 105 -20.46 2.08 32.43
C VAL A 105 -19.88 1.02 33.32
N ASP A 106 -20.40 0.83 34.53
CA ASP A 106 -19.84 -0.14 35.49
C ASP A 106 -19.71 -1.54 34.86
N ARG A 107 -18.50 -2.07 34.81
CA ARG A 107 -18.29 -3.37 34.18
C ARG A 107 -18.21 -4.51 35.19
N ALA A 108 -18.73 -5.67 34.80
CA ALA A 108 -18.71 -6.85 35.64
C ALA A 108 -17.35 -7.50 35.48
N PRO A 109 -16.96 -8.37 36.41
CA PRO A 109 -15.70 -9.10 36.20
C PRO A 109 -15.73 -9.91 34.91
N MET A 110 -14.57 -9.98 34.26
CA MET A 110 -14.43 -10.73 33.03
C MET A 110 -13.15 -11.57 33.03
N THR A 111 -13.20 -12.73 32.37
CA THR A 111 -12.07 -13.65 32.30
C THR A 111 -11.51 -13.73 30.88
N TYR A 112 -10.20 -13.59 30.78
CA TYR A 112 -9.53 -13.51 29.49
C TYR A 112 -8.58 -14.67 29.37
N SER A 113 -8.22 -15.01 28.13
CA SER A 113 -7.18 -16.01 27.92
C SER A 113 -6.17 -15.48 26.94
N ILE A 114 -4.89 -15.67 27.27
CA ILE A 114 -3.79 -15.29 26.42
C ILE A 114 -3.24 -16.59 25.82
N ASP A 115 -2.75 -16.54 24.59
CA ASP A 115 -2.37 -17.78 23.90
C ASP A 115 -0.86 -17.92 23.73
N LEU A 116 -0.13 -17.34 24.67
CA LEU A 116 1.33 -17.37 24.68
C LEU A 116 1.90 -18.79 24.59
N PRO A 117 2.85 -19.01 23.66
CA PRO A 117 3.55 -20.29 23.52
C PRO A 117 4.21 -20.79 24.80
N GLY A 118 4.08 -22.10 25.05
CA GLY A 118 4.73 -22.74 26.17
C GLY A 118 3.99 -22.50 27.48
N LEU A 119 2.81 -21.93 27.36
CA LEU A 119 1.99 -21.62 28.52
C LEU A 119 0.91 -22.69 28.60
N ALA A 120 0.69 -23.25 29.78
CA ALA A 120 -0.20 -24.39 29.92
C ALA A 120 -1.70 -24.06 29.76
N SER A 121 -2.52 -24.62 30.65
CA SER A 121 -3.96 -24.47 30.54
C SER A 121 -4.43 -23.40 31.51
N SER A 122 -4.46 -23.75 32.78
CA SER A 122 -5.01 -22.86 33.81
C SER A 122 -4.16 -21.60 34.02
N ASP A 123 -2.93 -21.62 33.52
CA ASP A 123 -2.06 -20.47 33.67
C ASP A 123 -2.30 -19.44 32.56
N SER A 124 -3.21 -19.76 31.65
CA SER A 124 -3.46 -18.90 30.50
C SER A 124 -4.68 -18.01 30.71
N PHE A 125 -5.35 -18.17 31.84
CA PHE A 125 -6.53 -17.35 32.13
C PHE A 125 -6.23 -16.22 33.09
N LEU A 126 -6.73 -15.03 32.78
CA LEU A 126 -6.62 -13.89 33.68
C LEU A 126 -7.99 -13.44 34.17
N GLN A 127 -8.14 -13.31 35.48
CA GLN A 127 -9.38 -12.77 36.01
C GLN A 127 -9.24 -11.27 36.25
N VAL A 128 -10.11 -10.47 35.64
CA VAL A 128 -10.03 -9.02 35.81
C VAL A 128 -11.33 -8.54 36.42
N GLU A 129 -11.24 -8.01 37.64
CA GLU A 129 -12.44 -7.79 38.42
C GLU A 129 -13.22 -6.57 37.96
N ASP A 130 -12.52 -5.59 37.39
CA ASP A 130 -13.16 -4.36 36.93
C ASP A 130 -12.52 -3.91 35.62
N PRO A 131 -12.89 -4.57 34.52
CA PRO A 131 -12.26 -4.39 33.20
C PRO A 131 -12.12 -2.94 32.76
N SER A 132 -10.87 -2.51 32.56
CA SER A 132 -10.54 -1.27 31.86
C SER A 132 -9.18 -1.44 31.20
N ASN A 133 -8.81 -0.50 30.34
CA ASN A 133 -7.50 -0.57 29.71
C ASN A 133 -6.41 -0.78 30.74
N SER A 134 -6.36 0.05 31.78
CA SER A 134 -5.38 -0.11 32.85
C SER A 134 -5.43 -1.50 33.50
N SER A 135 -6.62 -1.91 33.95
CA SER A 135 -6.70 -3.15 34.70
C SER A 135 -6.41 -4.38 33.86
N VAL A 136 -6.82 -4.36 32.60
CA VAL A 136 -6.57 -5.53 31.76
C VAL A 136 -5.11 -5.58 31.35
N ARG A 137 -4.56 -4.43 30.92
CA ARG A 137 -3.15 -4.35 30.57
C ARG A 137 -2.28 -4.70 31.76
N GLY A 138 -2.72 -4.30 32.95
CA GLY A 138 -1.98 -4.61 34.17
C GLY A 138 -1.93 -6.10 34.41
N ALA A 139 -3.03 -6.79 34.12
CA ALA A 139 -3.12 -8.23 34.34
C ALA A 139 -2.22 -8.99 33.39
N VAL A 140 -2.23 -8.61 32.12
CA VAL A 140 -1.41 -9.35 31.17
C VAL A 140 0.05 -9.09 31.45
N ASN A 141 0.41 -7.86 31.80
CA ASN A 141 1.81 -7.52 32.03
C ASN A 141 2.39 -8.30 33.17
N ASP A 142 1.61 -8.46 34.23
CA ASP A 142 2.03 -9.32 35.32
C ASP A 142 2.38 -10.69 34.78
N LEU A 143 1.41 -11.37 34.17
CA LEU A 143 1.64 -12.65 33.55
C LEU A 143 2.86 -12.68 32.60
N LEU A 144 3.05 -11.62 31.84
CA LEU A 144 4.15 -11.57 30.87
C LEU A 144 5.49 -11.63 31.57
N ALA A 145 5.65 -10.81 32.60
CA ALA A 145 6.89 -10.76 33.36
C ALA A 145 7.19 -12.13 33.95
N LYS A 146 6.15 -12.86 34.33
CA LYS A 146 6.33 -14.21 34.82
C LYS A 146 6.81 -15.09 33.68
N TRP A 147 6.09 -15.05 32.56
CA TRP A 147 6.42 -15.87 31.41
C TRP A 147 7.81 -15.55 30.90
N HIS A 148 8.13 -14.26 30.87
CA HIS A 148 9.44 -13.77 30.49
C HIS A 148 10.54 -14.47 31.28
N GLN A 149 10.26 -14.83 32.52
CA GLN A 149 11.29 -15.37 33.42
C GLN A 149 11.43 -16.88 33.37
N ASP A 150 10.50 -17.57 32.71
CA ASP A 150 10.68 -19.01 32.47
C ASP A 150 10.34 -19.44 31.04
N TYR A 151 10.80 -18.67 30.06
CA TYR A 151 10.61 -19.01 28.65
C TYR A 151 11.27 -18.01 27.72
N GLY A 152 10.65 -16.84 27.57
CA GLY A 152 11.04 -15.85 26.58
C GLY A 152 12.50 -15.43 26.59
N GLN A 153 13.17 -15.65 27.71
CA GLN A 153 14.61 -15.46 27.81
C GLN A 153 15.30 -16.63 27.15
N VAL A 154 14.96 -17.81 27.66
CA VAL A 154 15.53 -19.09 27.24
C VAL A 154 15.23 -19.37 25.78
N ASN A 155 13.94 -19.53 25.48
CA ASN A 155 13.51 -19.92 24.14
C ASN A 155 13.32 -18.75 23.19
N ASN A 156 14.00 -18.83 22.05
CA ASN A 156 13.65 -18.03 20.90
C ASN A 156 12.19 -18.35 20.59
N VAL A 157 11.35 -17.33 20.45
CA VAL A 157 9.90 -17.57 20.50
C VAL A 157 9.22 -18.05 19.20
N PRO A 158 9.29 -17.26 18.10
CA PRO A 158 9.82 -15.93 17.81
C PRO A 158 8.71 -14.87 17.73
N ALA A 159 7.94 -14.88 16.64
CA ALA A 159 6.77 -14.01 16.47
C ALA A 159 6.03 -14.49 15.24
N ARG A 160 4.76 -14.11 15.12
CA ARG A 160 3.97 -14.52 13.96
C ARG A 160 3.81 -13.38 12.98
N MET A 161 4.40 -13.59 11.80
CA MET A 161 4.52 -12.59 10.76
C MET A 161 3.40 -12.69 9.75
N GLN A 162 2.82 -11.56 9.39
CA GLN A 162 1.77 -11.54 8.39
C GLN A 162 2.06 -10.37 7.46
N TYR A 163 2.25 -10.69 6.20
CA TYR A 163 2.71 -9.71 5.22
C TYR A 163 1.57 -9.44 4.26
N GLU A 164 1.45 -8.20 3.82
CA GLU A 164 0.32 -7.78 3.00
C GLU A 164 0.73 -6.52 2.24
N LYS A 165 0.40 -6.46 0.94
CA LYS A 165 0.93 -5.40 0.07
C LYS A 165 -0.07 -4.94 -0.97
N ILE A 166 0.10 -3.72 -1.49
CA ILE A 166 -0.67 -3.20 -2.63
C ILE A 166 0.02 -2.06 -3.37
N THR A 167 -0.40 -1.86 -4.62
CA THR A 167 0.10 -0.77 -5.43
C THR A 167 -0.71 0.50 -5.19
N ALA A 168 -0.09 1.51 -4.61
CA ALA A 168 -0.79 2.74 -4.23
C ALA A 168 -1.33 3.54 -5.41
N HIS A 169 -2.62 3.90 -5.34
CA HIS A 169 -3.27 4.73 -6.36
C HIS A 169 -4.02 5.91 -5.75
N SER A 170 -4.90 5.64 -4.79
CA SER A 170 -5.58 6.71 -4.06
C SER A 170 -5.46 6.48 -2.57
N MET A 171 -5.71 7.54 -1.80
CA MET A 171 -5.71 7.38 -0.35
C MET A 171 -6.91 6.52 -0.03
N GLU A 172 -8.01 6.81 -0.71
CA GLU A 172 -9.27 6.09 -0.53
C GLU A 172 -9.15 4.58 -0.74
N GLN A 173 -8.39 4.17 -1.74
CA GLN A 173 -8.21 2.75 -2.02
C GLN A 173 -7.26 2.14 -0.99
N LEU A 174 -6.35 2.95 -0.47
CA LEU A 174 -5.47 2.52 0.60
C LEU A 174 -6.28 2.31 1.88
N LYS A 175 -7.39 3.03 2.00
CA LYS A 175 -8.24 2.97 3.20
C LYS A 175 -8.99 1.64 3.25
N VAL A 176 -9.65 1.31 2.14
CA VAL A 176 -10.32 0.02 1.98
C VAL A 176 -9.33 -1.12 2.21
N LYS A 177 -8.05 -0.87 1.93
CA LYS A 177 -7.05 -1.93 2.02
C LYS A 177 -6.52 -2.10 3.44
N PHE A 178 -6.31 -0.99 4.13
CA PHE A 178 -5.61 -1.02 5.40
C PHE A 178 -6.44 -0.46 6.55
N GLY A 179 -7.55 0.21 6.25
CA GLY A 179 -8.43 0.75 7.28
C GLY A 179 -8.90 2.18 7.06
N SER A 180 -10.09 2.51 7.56
CA SER A 180 -10.70 3.83 7.38
C SER A 180 -9.82 4.96 7.95
N ASP A 181 -8.95 4.59 8.88
CA ASP A 181 -8.13 5.57 9.58
C ASP A 181 -6.69 5.55 9.06
N PHE A 182 -6.48 5.03 7.85
CA PHE A 182 -5.11 4.90 7.35
C PHE A 182 -4.45 6.23 7.05
N GLU A 183 -5.28 7.23 6.71
CA GLU A 183 -4.82 8.54 6.26
C GLU A 183 -3.71 9.13 7.13
N LYS A 184 -3.80 8.93 8.43
CA LYS A 184 -2.80 9.40 9.38
C LYS A 184 -1.40 8.92 9.01
N THR A 185 -1.25 7.61 8.89
CA THR A 185 0.06 7.05 8.59
C THR A 185 0.39 7.05 7.10
N GLY A 186 -0.63 7.11 6.25
CA GLY A 186 -0.42 7.32 4.83
C GLY A 186 0.15 8.72 4.61
N ASN A 187 -0.33 9.68 5.39
CA ASN A 187 0.17 11.05 5.31
C ASN A 187 1.54 11.23 5.92
N SER A 188 1.97 10.26 6.73
CA SER A 188 3.30 10.27 7.27
C SER A 188 4.25 9.57 6.30
N LEU A 189 3.69 8.79 5.38
CA LEU A 189 4.49 8.03 4.44
C LEU A 189 4.89 8.87 3.23
N ASP A 190 4.34 10.07 3.13
CA ASP A 190 4.58 10.97 1.99
C ASP A 190 4.38 10.24 0.69
N ILE A 191 3.13 9.89 0.40
CA ILE A 191 2.85 9.14 -0.80
C ILE A 191 2.54 10.09 -1.96
N ASP A 192 3.52 10.27 -2.84
CA ASP A 192 3.41 11.21 -3.93
C ASP A 192 2.45 10.70 -4.99
N PHE A 193 1.15 10.79 -4.71
CA PHE A 193 0.13 10.29 -5.63
C PHE A 193 0.11 11.06 -6.94
N ASN A 194 0.54 12.31 -6.88
CA ASN A 194 0.60 13.15 -8.07
C ASN A 194 1.47 12.52 -9.15
N SER A 195 2.69 12.20 -8.75
CA SER A 195 3.66 11.63 -9.66
C SER A 195 3.36 10.16 -10.04
N VAL A 196 2.34 9.56 -9.44
CA VAL A 196 1.93 8.22 -9.86
C VAL A 196 1.04 8.33 -11.10
N HIS A 197 0.15 9.31 -11.08
CA HIS A 197 -0.81 9.43 -12.17
C HIS A 197 -0.17 10.21 -13.30
N SER A 198 0.91 10.91 -12.97
CA SER A 198 1.66 11.70 -13.94
C SER A 198 2.82 10.90 -14.55
N GLY A 199 2.86 9.61 -14.27
CA GLY A 199 3.80 8.70 -14.92
C GLY A 199 5.17 8.63 -14.25
N GLU A 200 5.51 9.64 -13.47
CA GLU A 200 6.88 9.80 -12.98
C GLU A 200 7.34 8.76 -11.96
N LYS A 201 6.40 8.12 -11.24
CA LYS A 201 6.77 7.12 -10.22
C LYS A 201 5.83 5.92 -10.16
N GLN A 202 6.31 4.87 -9.48
CA GLN A 202 5.48 3.75 -9.10
C GLN A 202 5.68 3.48 -7.59
N ILE A 203 4.58 3.51 -6.85
CA ILE A 203 4.64 3.34 -5.40
C ILE A 203 3.87 2.11 -4.98
N GLN A 204 4.46 1.34 -4.07
CA GLN A 204 3.76 0.24 -3.42
C GLN A 204 3.80 0.39 -1.89
N ILE A 205 2.72 -0.03 -1.23
CA ILE A 205 2.65 -0.03 0.22
C ILE A 205 2.58 -1.45 0.77
N VAL A 206 3.42 -1.76 1.74
CA VAL A 206 3.36 -3.07 2.37
C VAL A 206 3.24 -3.00 3.89
N ASN A 207 2.40 -3.85 4.45
CA ASN A 207 2.17 -3.87 5.87
C ASN A 207 2.77 -5.14 6.47
N PHE A 208 3.61 -4.97 7.48
CA PHE A 208 4.16 -6.10 8.22
C PHE A 208 3.55 -6.12 9.61
N LYS A 209 2.70 -7.11 9.92
CA LYS A 209 2.28 -7.30 11.32
C LYS A 209 3.07 -8.44 11.97
N GLN A 210 3.67 -8.16 13.11
CA GLN A 210 4.37 -9.18 13.86
C GLN A 210 3.66 -9.35 15.19
N ILE A 211 3.04 -10.50 15.37
CA ILE A 211 2.17 -10.77 16.51
C ILE A 211 2.85 -11.55 17.62
N TYR A 212 2.88 -10.96 18.81
CA TYR A 212 3.57 -11.55 19.96
C TYR A 212 2.62 -12.42 20.76
N TYR A 213 1.39 -11.96 20.94
CA TYR A 213 0.38 -12.74 21.67
C TYR A 213 -0.99 -12.15 21.40
N THR A 214 -2.02 -12.94 21.65
CA THR A 214 -3.40 -12.48 21.52
C THR A 214 -4.19 -12.77 22.80
N VAL A 215 -4.90 -11.78 23.29
CA VAL A 215 -5.76 -12.02 24.44
C VAL A 215 -7.21 -11.83 24.04
N SER A 216 -8.06 -12.72 24.52
CA SER A 216 -9.43 -12.79 24.04
C SER A 216 -10.41 -13.19 25.13
N VAL A 217 -11.70 -13.08 24.81
CA VAL A 217 -12.77 -13.40 25.77
C VAL A 217 -13.82 -14.37 25.22
N ASP A 218 -14.20 -15.33 26.04
CA ASP A 218 -15.19 -16.33 25.64
C ASP A 218 -16.51 -15.66 25.33
N ALA A 219 -17.38 -16.35 24.59
CA ALA A 219 -18.67 -15.77 24.26
C ALA A 219 -19.41 -15.44 25.54
N VAL A 220 -20.26 -14.42 25.51
CA VAL A 220 -20.96 -14.06 26.73
C VAL A 220 -22.36 -14.65 26.69
N LYS A 221 -22.73 -15.38 27.76
CA LYS A 221 -23.97 -16.13 27.79
C LYS A 221 -25.15 -15.19 27.74
N ASN A 222 -25.08 -14.15 28.56
CA ASN A 222 -26.17 -13.20 28.61
C ASN A 222 -25.60 -11.82 28.40
N PRO A 223 -26.26 -11.02 27.55
CA PRO A 223 -25.83 -9.63 27.33
C PRO A 223 -25.72 -8.91 28.68
N GLY A 224 -26.66 -9.17 29.57
CA GLY A 224 -26.60 -8.64 30.93
C GLY A 224 -25.28 -8.85 31.65
N ASP A 225 -24.55 -9.90 31.29
CA ASP A 225 -23.42 -10.35 32.09
C ASP A 225 -22.27 -9.37 32.17
N VAL A 226 -22.16 -8.48 31.19
CA VAL A 226 -21.03 -7.57 31.16
C VAL A 226 -21.23 -6.32 32.04
N PHE A 227 -22.44 -6.10 32.54
CA PHE A 227 -22.75 -4.94 33.38
C PHE A 227 -22.85 -5.26 34.85
N GLN A 228 -22.53 -4.30 35.70
CA GLN A 228 -22.81 -4.46 37.13
C GLN A 228 -24.26 -4.19 37.30
N ASP A 229 -24.86 -4.70 38.37
CA ASP A 229 -26.26 -4.47 38.67
C ASP A 229 -26.64 -2.98 38.80
N THR A 230 -25.63 -2.13 38.87
CA THR A 230 -25.83 -0.69 39.01
C THR A 230 -26.23 -0.05 37.70
N VAL A 231 -25.89 -0.68 36.58
CA VAL A 231 -26.24 -0.13 35.27
C VAL A 231 -27.70 -0.45 34.92
N THR A 232 -28.46 0.55 34.48
CA THR A 232 -29.88 0.37 34.17
C THR A 232 -30.20 0.74 32.72
N VAL A 233 -31.32 0.23 32.22
CA VAL A 233 -31.76 0.55 30.85
C VAL A 233 -31.80 2.07 30.62
N GLU A 234 -32.35 2.81 31.57
CA GLU A 234 -32.33 4.26 31.50
C GLU A 234 -30.92 4.83 31.20
N ASP A 235 -29.89 4.33 31.90
CA ASP A 235 -28.50 4.74 31.67
C ASP A 235 -28.04 4.47 30.24
N LEU A 236 -28.34 3.27 29.75
CA LEU A 236 -28.00 2.92 28.37
C LEU A 236 -28.69 3.89 27.41
N LYS A 237 -29.95 4.19 27.67
CA LYS A 237 -30.67 5.10 26.80
C LYS A 237 -30.11 6.53 26.90
N GLN A 238 -29.66 6.89 28.10
CA GLN A 238 -29.08 8.20 28.31
C GLN A 238 -27.84 8.35 27.46
N ARG A 239 -27.13 7.24 27.27
CA ARG A 239 -25.93 7.24 26.46
C ARG A 239 -26.20 6.91 25.00
N GLY A 240 -27.47 6.95 24.61
CA GLY A 240 -27.82 6.77 23.21
C GLY A 240 -27.89 5.35 22.67
N ILE A 241 -27.85 4.35 23.53
CA ILE A 241 -27.94 2.97 23.07
C ILE A 241 -29.36 2.65 22.67
N SER A 242 -29.53 2.01 21.52
CA SER A 242 -30.83 1.51 21.11
C SER A 242 -30.61 0.48 20.05
N ALA A 243 -31.67 -0.19 19.62
CA ALA A 243 -31.59 -1.05 18.42
C ALA A 243 -30.89 -0.35 17.23
N GLU A 244 -31.24 0.91 17.00
CA GLU A 244 -30.67 1.68 15.91
C GLU A 244 -29.20 1.92 16.11
N ARG A 245 -28.75 1.74 17.35
CA ARG A 245 -27.36 2.02 17.65
C ARG A 245 -26.86 1.05 18.71
N PRO A 246 -26.80 -0.26 18.36
CA PRO A 246 -26.56 -1.35 19.33
C PRO A 246 -25.10 -1.41 19.73
N LEU A 247 -24.71 -2.48 20.39
CA LEU A 247 -23.33 -2.50 20.80
C LEU A 247 -22.55 -3.80 20.61
N VAL A 248 -21.23 -3.67 20.48
CA VAL A 248 -20.36 -4.81 20.33
C VAL A 248 -19.40 -4.78 21.50
N TYR A 249 -18.71 -5.90 21.73
CA TYR A 249 -17.57 -5.89 22.65
C TYR A 249 -16.38 -6.35 21.84
N ILE A 250 -15.20 -5.88 22.19
CA ILE A 250 -14.06 -6.40 21.47
C ILE A 250 -13.67 -7.76 22.05
N SER A 251 -13.70 -8.78 21.19
CA SER A 251 -13.58 -10.16 21.63
C SER A 251 -12.17 -10.73 21.60
N SER A 252 -11.23 -9.99 21.01
CA SER A 252 -9.81 -10.30 21.16
C SER A 252 -8.99 -9.13 20.66
N VAL A 253 -7.76 -9.05 21.15
CA VAL A 253 -6.81 -8.05 20.68
C VAL A 253 -5.50 -8.76 20.39
N ALA A 254 -4.88 -8.41 19.28
CA ALA A 254 -3.57 -8.91 18.94
C ALA A 254 -2.53 -7.88 19.31
N TYR A 255 -1.52 -8.30 20.06
CA TYR A 255 -0.43 -7.43 20.49
C TYR A 255 0.86 -7.82 19.82
N GLY A 256 1.66 -6.81 19.49
CA GLY A 256 2.97 -7.03 18.89
C GLY A 256 3.53 -5.76 18.28
N ARG A 257 4.18 -5.93 17.13
CA ARG A 257 4.83 -4.84 16.45
C ARG A 257 4.37 -4.85 15.01
N GLN A 258 4.34 -3.69 14.38
CA GLN A 258 3.82 -3.60 13.03
C GLN A 258 4.49 -2.43 12.31
N VAL A 259 4.89 -2.64 11.06
CA VAL A 259 5.44 -1.56 10.24
C VAL A 259 4.69 -1.36 8.93
N TYR A 260 4.64 -0.12 8.48
CA TYR A 260 4.12 0.21 7.16
C TYR A 260 5.30 0.67 6.34
N LEU A 261 5.36 0.17 5.10
CA LEU A 261 6.51 0.41 4.26
C LEU A 261 6.07 1.03 2.96
N LYS A 262 6.66 2.17 2.63
CA LYS A 262 6.45 2.77 1.31
C LYS A 262 7.66 2.50 0.43
N LEU A 263 7.42 1.77 -0.65
CA LEU A 263 8.45 1.51 -1.64
C LEU A 263 8.17 2.35 -2.88
N GLU A 264 8.96 3.40 -3.05
CA GLU A 264 8.74 4.37 -4.12
C GLU A 264 9.91 4.34 -5.11
N THR A 265 9.64 3.90 -6.34
CA THR A 265 10.69 3.86 -7.37
C THR A 265 10.45 4.86 -8.48
N THR A 266 11.52 5.24 -9.17
CA THR A 266 11.41 6.15 -10.30
C THR A 266 11.28 5.34 -11.59
N SER A 267 11.55 4.05 -11.47
CA SER A 267 11.60 3.19 -12.64
C SER A 267 10.22 2.76 -13.09
N LYS A 268 9.82 3.22 -14.27
CA LYS A 268 8.52 2.84 -14.80
C LYS A 268 8.58 1.46 -15.45
N SER A 269 9.53 0.65 -15.00
CA SER A 269 9.84 -0.66 -15.58
C SER A 269 8.68 -1.65 -15.63
N ASP A 270 7.47 -1.20 -15.28
CA ASP A 270 6.30 -2.08 -15.09
C ASP A 270 6.65 -3.59 -15.03
N GLU A 271 7.68 -3.85 -14.23
CA GLU A 271 8.15 -5.16 -13.81
C GLU A 271 8.96 -4.86 -12.53
N VAL A 272 8.28 -4.18 -11.61
CA VAL A 272 8.84 -3.70 -10.35
C VAL A 272 8.47 -4.64 -9.21
N GLU A 273 7.29 -5.25 -9.35
CA GLU A 273 6.73 -6.21 -8.40
C GLU A 273 7.74 -7.25 -7.90
N ALA A 274 8.51 -7.82 -8.81
CA ALA A 274 9.46 -8.87 -8.45
C ALA A 274 10.67 -8.28 -7.72
N ALA A 275 11.16 -7.15 -8.21
CA ALA A 275 12.31 -6.47 -7.61
C ALA A 275 12.01 -5.95 -6.20
N PHE A 276 10.76 -5.55 -5.97
CA PHE A 276 10.32 -5.18 -4.63
C PHE A 276 10.19 -6.42 -3.75
N GLU A 277 9.63 -7.47 -4.32
CA GLU A 277 9.39 -8.71 -3.60
C GLU A 277 10.69 -9.33 -3.11
N ALA A 278 11.67 -9.42 -3.98
CA ALA A 278 12.94 -10.03 -3.63
C ALA A 278 13.64 -9.23 -2.54
N LEU A 279 13.35 -7.93 -2.50
CA LEU A 279 13.90 -7.07 -1.46
C LEU A 279 13.27 -7.36 -0.11
N ILE A 280 11.97 -7.65 -0.12
CA ILE A 280 11.23 -8.04 1.08
C ILE A 280 11.79 -9.34 1.64
N LYS A 281 11.75 -10.39 0.82
CA LYS A 281 12.30 -11.70 1.17
C LYS A 281 13.79 -11.64 1.42
N GLY A 282 14.44 -10.59 0.93
CA GLY A 282 15.88 -10.45 1.05
C GLY A 282 16.63 -11.65 0.50
N VAL A 283 16.25 -12.09 -0.68
CA VAL A 283 16.85 -13.29 -1.29
C VAL A 283 18.16 -12.95 -1.99
N LYS A 284 18.27 -11.71 -2.47
CA LYS A 284 19.49 -11.18 -3.08
C LYS A 284 20.16 -12.11 -4.09
N VAL A 285 19.39 -12.69 -5.00
CA VAL A 285 19.94 -13.55 -6.06
C VAL A 285 20.55 -12.69 -7.18
N ALA A 286 21.80 -12.29 -6.96
CA ALA A 286 22.55 -11.41 -7.87
C ALA A 286 22.01 -9.98 -8.02
N PRO A 287 21.97 -9.20 -6.92
CA PRO A 287 21.66 -7.77 -7.09
C PRO A 287 22.80 -7.00 -7.77
N GLN A 288 22.96 -7.17 -9.09
CA GLN A 288 23.75 -6.26 -9.91
C GLN A 288 23.30 -6.31 -11.38
N THR A 289 21.99 -6.46 -11.56
CA THR A 289 21.37 -6.58 -12.88
C THR A 289 20.19 -5.59 -13.02
N GLU A 290 19.09 -6.08 -13.58
CA GLU A 290 17.89 -5.26 -13.79
C GLU A 290 17.20 -4.89 -12.48
N TRP A 291 16.96 -5.89 -11.64
CA TRP A 291 16.39 -5.65 -10.32
C TRP A 291 17.23 -4.68 -9.50
N LYS A 292 18.54 -4.73 -9.68
CA LYS A 292 19.44 -3.86 -8.94
C LYS A 292 19.28 -2.43 -9.39
N GLN A 293 19.06 -2.25 -10.69
CA GLN A 293 18.93 -0.91 -11.25
C GLN A 293 17.74 -0.17 -10.64
N ILE A 294 16.66 -0.91 -10.42
CA ILE A 294 15.44 -0.32 -9.92
C ILE A 294 15.43 -0.21 -8.39
N LEU A 295 16.01 -1.19 -7.71
CA LEU A 295 16.17 -1.09 -6.26
C LEU A 295 17.13 0.03 -5.88
N ASP A 296 18.00 0.41 -6.81
CA ASP A 296 18.90 1.53 -6.60
C ASP A 296 18.15 2.83 -6.84
N ASN A 297 16.93 2.72 -7.35
CA ASN A 297 16.10 3.88 -7.56
C ASN A 297 14.85 3.79 -6.73
N THR A 298 15.00 3.24 -5.53
CA THR A 298 13.88 3.12 -4.62
C THR A 298 14.11 3.90 -3.35
N GLU A 299 13.19 4.84 -3.10
CA GLU A 299 13.14 5.51 -1.83
C GLU A 299 12.27 4.68 -0.89
N VAL A 300 12.55 4.77 0.41
CA VAL A 300 11.82 4.01 1.39
C VAL A 300 11.48 4.88 2.59
N LYS A 301 10.18 5.02 2.88
CA LYS A 301 9.78 5.64 4.12
C LYS A 301 8.97 4.64 4.93
N ALA A 302 9.18 4.64 6.24
CA ALA A 302 8.57 3.64 7.11
C ALA A 302 7.99 4.24 8.37
N VAL A 303 6.78 3.81 8.72
CA VAL A 303 6.21 4.13 10.02
C VAL A 303 6.11 2.84 10.85
N ILE A 304 6.75 2.86 12.00
CA ILE A 304 6.85 1.69 12.86
C ILE A 304 6.06 1.87 14.14
N LEU A 305 5.24 0.87 14.46
CA LEU A 305 4.47 0.83 15.69
C LEU A 305 4.99 -0.35 16.51
N GLY A 306 6.09 -0.12 17.23
CA GLY A 306 6.92 -1.19 17.76
C GLY A 306 6.43 -1.82 19.04
N GLY A 307 7.19 -2.80 19.54
CA GLY A 307 6.89 -3.40 20.84
C GLY A 307 7.45 -2.52 21.95
N ASP A 308 8.19 -1.50 21.53
CA ASP A 308 8.94 -0.60 22.41
C ASP A 308 8.01 0.40 23.11
N PRO A 309 8.57 1.41 23.83
CA PRO A 309 7.78 2.55 24.27
C PRO A 309 6.80 3.08 23.21
N SER A 310 5.52 3.11 23.57
CA SER A 310 4.42 3.41 22.65
C SER A 310 4.45 4.77 21.93
N SER A 311 5.05 4.78 20.74
CA SER A 311 4.94 5.90 19.80
C SER A 311 5.38 5.39 18.41
N GLY A 312 4.97 6.10 17.36
CA GLY A 312 5.31 5.68 16.01
C GLY A 312 6.56 6.37 15.47
N ALA A 313 7.62 5.60 15.21
CA ALA A 313 8.78 6.12 14.51
C ALA A 313 8.44 6.41 13.04
N ARG A 314 8.63 7.64 12.58
CA ARG A 314 8.45 7.99 11.16
C ARG A 314 9.80 8.37 10.56
N VAL A 315 10.53 7.37 10.05
CA VAL A 315 11.99 7.51 9.88
C VAL A 315 12.59 7.80 8.50
N VAL A 316 11.86 7.52 7.42
CA VAL A 316 12.48 7.45 6.09
C VAL A 316 13.89 6.85 6.12
N THR A 317 13.94 5.52 6.25
CA THR A 317 15.20 4.78 6.24
C THR A 317 15.97 5.00 4.92
N GLY A 318 15.44 5.92 4.11
CA GLY A 318 16.04 6.31 2.86
C GLY A 318 16.16 5.13 1.94
N LYS A 319 17.31 4.45 2.03
CA LYS A 319 17.67 3.42 1.06
C LYS A 319 17.25 2.04 1.50
N VAL A 320 17.03 1.18 0.50
CA VAL A 320 16.42 -0.13 0.71
C VAL A 320 17.32 -1.05 1.54
N ASP A 321 18.51 -0.55 1.85
CA ASP A 321 19.44 -1.22 2.75
C ASP A 321 18.77 -1.52 4.10
N MET A 322 18.11 -0.50 4.66
CA MET A 322 17.45 -0.66 5.96
C MET A 322 16.00 -1.11 5.85
N VAL A 323 15.79 -2.27 5.23
CA VAL A 323 14.46 -2.87 5.15
C VAL A 323 14.53 -4.23 5.81
N GLU A 324 15.61 -4.96 5.55
CA GLU A 324 15.88 -6.19 6.28
C GLU A 324 15.92 -5.86 7.76
N ASP A 325 16.56 -4.75 8.09
CA ASP A 325 16.65 -4.24 9.47
C ASP A 325 15.32 -4.26 10.19
N LEU A 326 14.29 -3.78 9.50
CA LEU A 326 12.98 -3.57 10.09
C LEU A 326 12.23 -4.89 10.26
N ILE A 327 12.30 -5.75 9.25
CA ILE A 327 11.66 -7.05 9.32
C ILE A 327 12.34 -7.88 10.38
N GLN A 328 13.52 -7.46 10.81
CA GLN A 328 14.27 -8.23 11.79
C GLN A 328 14.12 -7.73 13.22
N GLU A 329 13.84 -6.45 13.37
CA GLU A 329 13.90 -5.82 14.69
C GLU A 329 12.92 -6.43 15.69
N GLY A 330 11.71 -6.72 15.25
CA GLY A 330 10.72 -7.28 16.13
C GLY A 330 10.55 -8.77 15.93
N SER A 331 11.52 -9.38 15.27
CA SER A 331 11.45 -10.80 14.90
C SER A 331 11.12 -11.72 16.05
N ARG A 332 11.86 -11.57 17.15
CA ARG A 332 11.65 -12.45 18.30
C ARG A 332 10.95 -11.68 19.40
N PHE A 333 10.12 -12.38 20.15
CA PHE A 333 9.43 -11.77 21.26
C PHE A 333 9.93 -12.43 22.52
N THR A 334 10.46 -11.63 23.44
CA THR A 334 11.07 -12.21 24.63
C THR A 334 10.24 -11.93 25.88
N ALA A 335 9.27 -11.03 25.72
CA ALA A 335 8.47 -10.49 26.82
C ALA A 335 9.28 -9.56 27.71
N ASP A 336 10.24 -8.89 27.10
CA ASP A 336 10.98 -7.80 27.73
C ASP A 336 10.19 -6.51 27.55
N HIS A 337 9.33 -6.52 26.54
CA HIS A 337 8.45 -5.39 26.23
C HIS A 337 7.13 -5.92 25.67
N PRO A 338 6.03 -5.67 26.39
CA PRO A 338 4.74 -6.07 25.80
C PRO A 338 4.51 -5.22 24.57
N GLY A 339 4.29 -5.84 23.42
CA GLY A 339 3.99 -5.08 22.22
C GLY A 339 2.72 -4.27 22.43
N LEU A 340 2.31 -3.49 21.44
CA LEU A 340 1.06 -2.79 21.59
C LEU A 340 -0.03 -3.43 20.76
N PRO A 341 -1.28 -3.00 20.97
CA PRO A 341 -2.35 -3.42 20.07
C PRO A 341 -2.00 -3.13 18.62
N ILE A 342 -2.23 -4.12 17.76
CA ILE A 342 -1.85 -4.10 16.36
C ILE A 342 -3.11 -4.29 15.51
N SER A 343 -4.06 -5.01 16.09
CA SER A 343 -5.32 -5.29 15.43
C SER A 343 -6.27 -5.79 16.50
N TYR A 344 -7.57 -5.55 16.33
CA TYR A 344 -8.57 -6.14 17.24
C TYR A 344 -9.84 -6.57 16.47
N THR A 345 -10.64 -7.46 17.08
CA THR A 345 -11.95 -7.86 16.53
C THR A 345 -13.10 -7.67 17.52
N THR A 346 -14.30 -7.42 17.00
CA THR A 346 -15.47 -7.20 17.84
C THR A 346 -16.62 -8.16 17.55
N SER A 347 -17.42 -8.46 18.58
CA SER A 347 -18.56 -9.36 18.43
C SER A 347 -19.79 -8.68 18.99
N PHE A 348 -20.93 -8.82 18.33
CA PHE A 348 -22.16 -8.25 18.84
C PHE A 348 -22.48 -8.77 20.24
N LEU A 349 -23.08 -7.94 21.09
CA LEU A 349 -23.30 -8.31 22.48
C LEU A 349 -24.54 -9.17 22.57
N ARG A 350 -25.49 -8.88 21.69
CA ARG A 350 -26.77 -9.54 21.65
C ARG A 350 -26.65 -11.04 21.49
N ASP A 351 -25.73 -11.47 20.64
CA ASP A 351 -25.73 -12.86 20.19
C ASP A 351 -24.36 -13.42 19.85
N ASN A 352 -23.31 -12.63 20.05
CA ASN A 352 -21.94 -13.06 19.77
C ASN A 352 -21.50 -13.27 18.31
N VAL A 353 -22.31 -12.90 17.32
CA VAL A 353 -21.80 -13.07 15.97
C VAL A 353 -20.73 -12.03 15.73
N VAL A 354 -19.59 -12.43 15.15
CA VAL A 354 -18.53 -11.44 15.02
C VAL A 354 -18.89 -10.38 13.97
N ALA A 355 -18.61 -9.12 14.28
CA ALA A 355 -18.97 -8.04 13.37
C ALA A 355 -17.92 -7.98 12.27
N THR A 356 -18.35 -8.10 11.03
CA THR A 356 -17.47 -7.98 9.89
C THR A 356 -17.84 -6.71 9.16
N PHE A 357 -16.83 -5.95 8.76
CA PHE A 357 -17.09 -4.69 8.11
C PHE A 357 -16.94 -4.81 6.59
N GLN A 358 -17.69 -4.00 5.88
CA GLN A 358 -17.71 -4.09 4.43
C GLN A 358 -17.38 -2.72 3.87
N ASN A 359 -16.20 -2.57 3.29
CA ASN A 359 -15.83 -1.32 2.62
C ASN A 359 -15.62 -1.48 1.13
N SER A 360 -15.92 -0.43 0.37
CA SER A 360 -15.69 -0.43 -1.06
C SER A 360 -15.23 0.94 -1.53
N THR A 361 -14.49 0.95 -2.64
CA THR A 361 -14.25 2.16 -3.39
C THR A 361 -13.96 1.83 -4.85
N ASP A 362 -14.33 2.76 -5.73
CA ASP A 362 -13.85 2.75 -7.11
C ASP A 362 -12.58 3.58 -7.15
N TYR A 363 -11.57 3.11 -7.87
CA TYR A 363 -10.35 3.88 -8.04
C TYR A 363 -9.82 3.71 -9.47
N VAL A 364 -8.99 4.67 -9.89
CA VAL A 364 -8.37 4.68 -11.22
C VAL A 364 -7.01 3.98 -11.24
N GLU A 365 -6.95 2.80 -11.86
CA GLU A 365 -5.67 2.11 -12.06
C GLU A 365 -4.95 2.66 -13.29
N THR A 366 -3.79 3.28 -13.07
CA THR A 366 -3.04 3.90 -14.14
C THR A 366 -1.83 3.07 -14.57
N LYS A 367 -1.90 2.45 -15.75
CA LYS A 367 -0.77 1.72 -16.33
C LYS A 367 0.20 2.73 -16.98
N VAL A 368 1.50 2.48 -16.82
CA VAL A 368 2.47 3.40 -17.38
C VAL A 368 3.48 2.70 -18.31
N THR A 369 3.66 3.26 -19.49
CA THR A 369 4.61 2.69 -20.46
C THR A 369 5.72 3.70 -20.80
N ALA A 370 6.96 3.26 -20.67
CA ALA A 370 8.09 4.17 -20.86
C ALA A 370 8.85 3.86 -22.14
N TYR A 371 9.02 4.87 -22.98
CA TYR A 371 9.86 4.79 -24.19
C TYR A 371 11.04 5.72 -24.00
N ARG A 372 12.24 5.13 -23.88
CA ARG A 372 13.41 5.91 -23.47
C ARG A 372 13.94 6.75 -24.62
N ASN A 373 14.45 7.93 -24.30
CA ASN A 373 15.15 8.73 -25.29
C ASN A 373 16.37 7.99 -25.81
N GLY A 374 16.78 8.32 -27.03
CA GLY A 374 18.02 7.81 -27.58
C GLY A 374 18.68 8.91 -28.37
N ASP A 375 19.88 8.63 -28.87
CA ASP A 375 20.53 9.53 -29.82
C ASP A 375 20.86 8.83 -31.12
N LEU A 376 20.67 9.56 -32.21
CA LEU A 376 21.13 9.15 -33.52
C LEU A 376 22.41 9.90 -33.83
N LEU A 377 23.53 9.17 -33.88
CA LEU A 377 24.82 9.74 -34.27
C LEU A 377 25.14 9.46 -35.74
N LEU A 378 25.80 10.41 -36.41
CA LEU A 378 26.17 10.26 -37.83
C LEU A 378 27.64 10.56 -38.00
N ASP A 379 28.33 9.69 -38.74
CA ASP A 379 29.73 9.95 -39.07
C ASP A 379 30.02 9.83 -40.56
N HIS A 380 30.53 10.90 -41.16
CA HIS A 380 30.84 10.92 -42.57
C HIS A 380 32.33 11.14 -42.77
N SER A 381 33.04 10.08 -43.16
CA SER A 381 34.44 10.22 -43.47
C SER A 381 34.77 9.56 -44.83
N GLY A 382 33.81 9.63 -45.74
CA GLY A 382 34.00 9.14 -47.08
C GLY A 382 34.53 10.20 -48.04
N ALA A 383 35.23 9.73 -49.08
CA ALA A 383 35.73 10.59 -50.13
C ALA A 383 34.64 10.95 -51.13
N TYR A 384 33.54 11.53 -50.68
CA TYR A 384 32.43 11.88 -51.56
C TYR A 384 31.50 12.86 -50.87
N VAL A 385 30.62 13.45 -51.65
CA VAL A 385 29.49 14.18 -51.12
C VAL A 385 28.37 13.19 -50.79
N ALA A 386 27.78 13.34 -49.60
CA ALA A 386 26.63 12.56 -49.21
C ALA A 386 25.55 13.54 -48.79
N GLN A 387 24.31 13.08 -48.80
CA GLN A 387 23.18 13.81 -48.29
C GLN A 387 22.36 12.85 -47.47
N TYR A 388 21.81 13.35 -46.38
CA TYR A 388 20.93 12.55 -45.57
C TYR A 388 19.50 13.03 -45.78
N TYR A 389 18.54 12.13 -45.64
CA TYR A 389 17.16 12.51 -45.59
C TYR A 389 16.60 11.82 -44.37
N ILE A 390 16.65 12.52 -43.24
CA ILE A 390 16.23 11.91 -41.98
C ILE A 390 14.87 12.43 -41.57
N THR A 391 13.94 11.52 -41.35
CA THR A 391 12.55 11.90 -41.19
C THR A 391 11.83 11.08 -40.09
N TRP A 392 10.85 11.69 -39.42
CA TRP A 392 10.05 10.96 -38.44
C TRP A 392 8.76 11.64 -38.02
N ASN A 393 7.96 10.93 -37.23
CA ASN A 393 6.78 11.49 -36.57
C ASN A 393 6.96 11.59 -35.05
N GLU A 394 6.68 12.76 -34.49
CA GLU A 394 6.60 12.92 -33.04
C GLU A 394 5.16 12.67 -32.57
N LEU A 395 5.00 11.71 -31.66
CA LEU A 395 3.67 11.31 -31.22
C LEU A 395 3.24 11.95 -29.91
N SER A 396 1.99 12.40 -29.90
CA SER A 396 1.43 13.04 -28.73
C SER A 396 -0.03 12.63 -28.66
N TYR A 397 -0.68 13.02 -27.58
CA TYR A 397 -2.06 12.66 -27.34
C TYR A 397 -2.92 13.89 -27.08
N ASP A 398 -3.94 14.10 -27.90
CA ASP A 398 -4.85 15.22 -27.69
C ASP A 398 -5.98 14.87 -26.72
N HIS A 399 -6.54 15.89 -26.06
CA HIS A 399 -7.73 15.70 -25.23
C HIS A 399 -8.69 15.02 -26.22
N GLN A 400 -9.32 13.95 -25.74
CA GLN A 400 -10.07 12.91 -26.48
C GLN A 400 -9.24 11.63 -26.61
N GLY A 401 -7.97 11.74 -26.21
CA GLY A 401 -7.07 10.60 -26.10
C GLY A 401 -6.69 9.95 -27.41
N LYS A 402 -6.80 10.70 -28.51
CA LYS A 402 -6.40 10.20 -29.84
C LYS A 402 -4.91 10.41 -30.09
N GLU A 403 -4.36 9.59 -30.99
CA GLU A 403 -2.94 9.66 -31.35
C GLU A 403 -2.67 10.78 -32.32
N VAL A 404 -1.88 11.76 -31.88
CA VAL A 404 -1.45 12.82 -32.76
C VAL A 404 0.01 12.62 -33.19
N LEU A 405 0.20 12.44 -34.50
CA LEU A 405 1.54 12.27 -35.08
C LEU A 405 1.91 13.47 -35.93
N THR A 406 2.66 14.43 -35.39
CA THR A 406 3.09 15.55 -36.23
C THR A 406 4.49 15.31 -36.87
N PRO A 407 4.58 15.45 -38.20
CA PRO A 407 5.79 15.11 -38.97
C PRO A 407 6.99 16.02 -38.66
N LYS A 408 8.19 15.46 -38.68
CA LYS A 408 9.41 16.25 -38.47
C LYS A 408 10.47 15.87 -39.50
N ALA A 409 11.52 16.68 -39.61
CA ALA A 409 12.62 16.42 -40.55
C ALA A 409 13.87 17.14 -40.09
N TRP A 410 15.00 16.45 -40.13
CA TRP A 410 16.27 17.04 -39.72
C TRP A 410 16.54 18.27 -40.58
N ASP A 411 17.13 19.31 -39.99
CA ASP A 411 17.30 20.59 -40.69
C ASP A 411 18.26 20.50 -41.88
N ARG A 412 19.40 19.85 -41.65
CA ARG A 412 20.41 19.67 -42.67
C ARG A 412 20.04 18.61 -43.74
N ASN A 413 18.81 18.09 -43.69
CA ASN A 413 18.27 17.21 -44.74
C ASN A 413 18.52 17.79 -46.12
N GLY A 414 19.24 17.07 -46.97
CA GLY A 414 19.38 17.47 -48.34
C GLY A 414 20.65 18.23 -48.64
N GLN A 415 21.30 18.73 -47.60
CA GLN A 415 22.57 19.46 -47.75
C GLN A 415 23.67 18.53 -48.23
N ASP A 416 24.54 19.00 -49.10
CA ASP A 416 25.76 18.26 -49.41
C ASP A 416 26.66 18.26 -48.21
N LEU A 417 27.21 17.11 -47.88
CA LEU A 417 28.14 17.09 -46.77
C LEU A 417 29.36 16.30 -47.16
N THR A 418 30.50 16.72 -46.62
CA THR A 418 31.75 16.11 -46.98
C THR A 418 32.50 15.72 -45.70
N ALA A 419 33.53 14.91 -45.82
CA ALA A 419 34.25 14.42 -44.65
C ALA A 419 35.17 15.53 -44.15
N HIS A 420 35.45 15.60 -42.84
CA HIS A 420 34.89 14.73 -41.81
C HIS A 420 33.72 15.46 -41.20
N PHE A 421 32.55 14.83 -41.21
CA PHE A 421 31.34 15.40 -40.63
C PHE A 421 30.76 14.43 -39.61
N THR A 422 30.44 14.97 -38.44
CA THR A 422 29.78 14.21 -37.38
C THR A 422 28.74 15.09 -36.76
N THR A 423 27.59 14.52 -36.47
CA THR A 423 26.55 15.25 -35.73
C THR A 423 25.95 14.26 -34.74
N SER A 424 24.99 14.73 -33.96
CA SER A 424 24.36 13.90 -32.96
C SER A 424 22.96 14.40 -32.80
N ILE A 425 22.00 13.53 -33.10
CA ILE A 425 20.61 13.94 -33.10
C ILE A 425 19.84 13.29 -31.94
N PRO A 426 19.51 14.09 -30.93
CA PRO A 426 18.70 13.71 -29.76
C PRO A 426 17.30 13.37 -30.22
N LEU A 427 16.90 12.13 -29.99
CA LEU A 427 15.53 11.72 -30.29
C LEU A 427 14.78 11.29 -29.00
N LYS A 428 13.80 12.10 -28.61
CA LYS A 428 13.01 11.84 -27.42
C LYS A 428 12.16 10.59 -27.65
N GLY A 429 11.71 9.94 -26.58
CA GLY A 429 10.98 8.69 -26.69
C GLY A 429 9.66 8.72 -27.46
N ASN A 430 9.15 9.91 -27.74
CA ASN A 430 7.89 10.01 -28.47
C ASN A 430 8.01 9.94 -29.99
N VAL A 431 9.21 9.72 -30.51
CA VAL A 431 9.40 9.67 -31.97
C VAL A 431 9.05 8.31 -32.56
N ARG A 432 8.30 8.33 -33.65
CA ARG A 432 7.89 7.10 -34.30
C ARG A 432 8.19 7.25 -35.79
N ASN A 433 8.17 6.14 -36.52
CA ASN A 433 8.42 6.15 -37.95
C ASN A 433 9.68 6.92 -38.36
N LEU A 434 10.79 6.54 -37.75
CA LEU A 434 12.08 7.10 -38.12
C LEU A 434 12.38 6.63 -39.54
N SER A 435 12.76 7.56 -40.42
CA SER A 435 13.32 7.19 -41.74
C SER A 435 14.69 7.80 -41.87
N VAL A 436 15.64 6.98 -42.30
CA VAL A 436 16.96 7.49 -42.61
C VAL A 436 17.33 7.04 -44.00
N LYS A 437 17.62 8.01 -44.86
CA LYS A 437 18.14 7.71 -46.19
C LYS A 437 19.44 8.47 -46.42
N ILE A 438 20.45 7.73 -46.86
CA ILE A 438 21.74 8.31 -47.18
C ILE A 438 22.11 7.96 -48.61
N ARG A 439 22.34 8.97 -49.42
CA ARG A 439 22.91 8.74 -50.74
C ARG A 439 24.23 9.49 -50.91
N GLU A 440 24.99 9.05 -51.88
CA GLU A 440 26.36 9.43 -52.07
C GLU A 440 26.54 9.71 -53.55
N CYS A 441 27.29 10.75 -53.90
CA CYS A 441 27.47 11.11 -55.31
C CYS A 441 28.69 10.45 -55.91
N THR A 442 28.47 9.52 -56.83
CA THR A 442 29.57 8.69 -57.29
C THR A 442 30.40 9.42 -58.31
N GLY A 443 29.83 10.45 -58.91
CA GLY A 443 30.54 11.13 -59.98
C GLY A 443 30.32 10.51 -61.35
N LEU A 444 29.72 9.31 -61.38
CA LEU A 444 29.41 8.64 -62.65
C LEU A 444 28.23 9.29 -63.35
N ALA A 445 28.38 9.60 -64.63
CA ALA A 445 27.33 10.21 -65.41
C ALA A 445 26.05 9.35 -65.43
N TRP A 446 26.23 8.03 -65.42
CA TRP A 446 25.12 7.07 -65.55
C TRP A 446 24.50 6.67 -64.21
N GLU A 447 25.15 6.98 -63.10
CA GLU A 447 24.64 6.66 -61.78
C GLU A 447 25.08 7.76 -60.84
N TRP A 448 24.56 8.96 -61.06
CA TRP A 448 25.05 10.12 -60.32
C TRP A 448 24.94 9.96 -58.79
N TRP A 449 23.76 9.58 -58.29
CA TRP A 449 23.62 9.27 -56.87
C TRP A 449 23.47 7.78 -56.62
N ARG A 450 24.14 7.26 -55.61
CA ARG A 450 23.90 5.92 -55.12
C ARG A 450 23.44 5.98 -53.67
N THR A 451 22.29 5.36 -53.37
CA THR A 451 21.80 5.21 -51.99
C THR A 451 22.60 4.16 -51.28
N VAL A 452 23.14 4.50 -50.12
CA VAL A 452 23.96 3.54 -49.42
C VAL A 452 23.29 3.09 -48.14
N TYR A 453 22.17 3.72 -47.80
CA TYR A 453 21.42 3.36 -46.59
C TYR A 453 19.99 3.82 -46.76
N GLU A 454 19.03 2.93 -46.53
CA GLU A 454 17.62 3.31 -46.59
C GLU A 454 16.73 2.40 -45.72
N LYS A 455 16.35 2.88 -44.54
CA LYS A 455 15.51 2.11 -43.61
C LYS A 455 14.33 2.93 -43.16
N THR A 456 13.20 2.28 -42.87
CA THR A 456 12.06 3.00 -42.28
C THR A 456 11.66 2.36 -40.95
N ASP A 457 10.93 3.11 -40.13
CA ASP A 457 10.60 2.68 -38.77
C ASP A 457 11.85 2.12 -38.11
N LEU A 458 12.89 2.93 -38.12
CA LEU A 458 14.16 2.55 -37.54
C LEU A 458 13.97 2.56 -36.03
N PRO A 459 14.15 1.40 -35.39
CA PRO A 459 13.82 1.31 -33.96
C PRO A 459 14.58 2.32 -33.15
N LEU A 460 13.88 3.04 -32.28
CA LEU A 460 14.52 4.00 -31.41
C LEU A 460 15.28 3.22 -30.37
N VAL A 461 16.58 3.48 -30.25
CA VAL A 461 17.41 2.77 -29.29
C VAL A 461 18.21 3.82 -28.56
N ARG A 462 18.93 3.42 -27.53
CA ARG A 462 19.63 4.39 -26.69
C ARG A 462 20.70 5.12 -27.52
N LYS A 463 21.28 4.39 -28.48
CA LYS A 463 22.43 4.92 -29.19
C LYS A 463 22.60 4.23 -30.53
N ARG A 464 22.52 4.99 -31.62
CA ARG A 464 22.78 4.40 -32.93
C ARG A 464 23.71 5.28 -33.70
N THR A 465 24.85 4.75 -34.05
CA THR A 465 25.80 5.49 -34.86
C THR A 465 25.79 4.92 -36.29
N ILE A 466 25.41 5.72 -37.25
CA ILE A 466 25.54 5.33 -38.64
C ILE A 466 26.79 6.02 -39.22
N SER A 467 27.82 5.23 -39.52
CA SER A 467 29.03 5.76 -40.10
C SER A 467 29.09 5.38 -41.57
N ILE A 468 29.57 6.28 -42.41
CA ILE A 468 29.83 5.95 -43.78
C ILE A 468 31.28 6.34 -44.08
N TRP A 469 31.89 5.62 -45.01
CA TRP A 469 33.25 5.94 -45.43
C TRP A 469 33.57 5.32 -46.78
N GLY A 470 34.84 5.20 -47.09
CA GLY A 470 35.25 4.72 -48.39
C GLY A 470 35.12 5.72 -49.53
N THR A 471 35.02 5.18 -50.74
CA THR A 471 35.20 5.97 -51.97
C THR A 471 33.87 6.09 -52.69
N THR A 472 33.87 6.81 -53.80
CA THR A 472 32.65 7.03 -54.56
C THR A 472 32.09 5.73 -55.19
N LEU A 473 32.98 4.81 -55.59
CA LEU A 473 32.59 3.55 -56.20
C LEU A 473 32.50 2.42 -55.15
N TYR A 474 33.24 2.54 -54.06
CA TYR A 474 33.15 1.51 -53.01
C TYR A 474 32.87 2.10 -51.62
N PRO A 475 31.69 2.73 -51.47
CA PRO A 475 31.29 3.31 -50.18
C PRO A 475 31.10 2.20 -49.13
N GLN A 476 31.34 2.46 -47.85
CA GLN A 476 31.15 1.48 -46.78
C GLN A 476 30.23 2.08 -45.73
N VAL A 477 29.32 1.27 -45.19
CA VAL A 477 28.51 1.81 -44.08
C VAL A 477 28.32 0.81 -42.95
N GLU A 478 28.30 1.32 -41.72
CA GLU A 478 28.07 0.52 -40.53
C GLU A 478 26.95 1.12 -39.72
N ASP A 479 26.04 0.25 -39.27
CA ASP A 479 24.89 0.65 -38.48
C ASP A 479 25.00 0.09 -37.06
N LYS A 480 25.73 0.79 -36.20
CA LYS A 480 26.05 0.31 -34.84
C LYS A 480 25.04 0.74 -33.78
N VAL A 481 24.43 -0.25 -33.13
CA VAL A 481 23.47 -0.03 -32.05
C VAL A 481 24.09 -0.27 -30.67
N GLU A 482 23.70 0.53 -29.68
CA GLU A 482 24.18 0.37 -28.32
C GLU A 482 23.01 0.56 -27.33
N ASN A 483 22.67 -0.50 -26.60
CA ASN A 483 21.55 -0.49 -25.65
C ASN A 483 21.98 -0.84 -24.22
#